data_8G1Q
#
_entry.id   8G1Q
#
_cell.length_a   158.163
_cell.length_b   158.163
_cell.length_c   44.857
_cell.angle_alpha   90.00
_cell.angle_beta   90.00
_cell.angle_gamma   120.00
#
_symmetry.space_group_name_H-M   'P 62'
#
loop_
_entity.id
_entity.type
_entity.pdbx_description
1 polymer 'Transcription activator BRG1'
2 polymer Elongin-B
3 polymer Elongin-C
4 polymer 'von Hippel-Lindau disease tumor suppressor'
5 non-polymer 'SODIUM ION'
6 non-polymer N-(2-{4-[(6M)-3-amino-6-(2-hydroxyphenyl)pyridazin-4-yl]piperazin-1-yl}pyridine-4-carbonyl)-3-methyl-L-valyl-(4R)-4-hydroxy-N-{(1S)-1-[4-(4-methyl-1,3-thiazol-5-yl)phenyl]ethyl}-L-prolinamide
7 non-polymer DI(HYDROXYETHYL)ETHER
8 water water
#
loop_
_entity_poly.entity_id
_entity_poly.type
_entity_poly.pdbx_seq_one_letter_code
_entity_poly.pdbx_strand_id
1 'polypeptide(L)'
;SPAEKLSPNPPNLTKKMKKIVDAVIKYKDSSSGRQLSEVFIQLPSRKELPEYYELIRKPVDFKKIKERIRNHKYRSLNDL
EKDVMLLCQNAQTFNLEGSLIYEDSIVLQSVFTSVRQKIEKEDD
;
H
2 'polypeptide(L)'
;MDVFLMIRRHKTTIFTDAKESSTVFELKRIVEGILKRPPDEQRLYKDDQLLDDGKTLGECGFTSQTARPQAPATVGLAFR
ADDTFEALCIEPFSSPPELPDVMK
;
A
3 'polypeptide(L)'
;MYVKLISSDGHEFIVKREHALTSGTIKAMLSGPGQFAENETNEVNFREIPSHVLSKVCMYFTYKVRYTNSSTEIPEFPIA
PEIALELLMAANFLDC
;
B
4 'polypeptide(L)'
;GSMEAGRPRPVLRSVNSREPSQVIFCNRSPRVVLPVWLNFDGEPQPYPTLPPGTGRRIHSYRGHLWLFRDAGTHDGLLVN
QTELFVPSLNVDGQPIFANITLPVYTLKERCLQVVRSLVKPENYRRLDIVRSLYEDLEDHPNVQKDLERLTQERIAHQRM
GD
;
C
#
loop_
_chem_comp.id
_chem_comp.type
_chem_comp.name
_chem_comp.formula
NA non-polymer 'SODIUM ION' 'Na 1'
PEG non-polymer DI(HYDROXYETHYL)ETHER 'C4 H10 O3'
YHB non-polymer N-(2-{4-[(6M)-3-amino-6-(2-hydroxyphenyl)pyridazin-4-yl]piperazin-1-yl}pyridine-4-carbonyl)-3-methyl-L-valyl-(4R)-4-hydroxy-N-{(1S)-1-[4-(4-methyl-1,3-thiazol-5-yl)phenyl]ethyl}-L-prolinamide 'C43 H50 N10 O5 S'
#
# COMPACT_ATOMS: atom_id res chain seq x y z
N PRO A 10 -18.31 -10.99 41.93
CA PRO A 10 -18.14 -10.93 40.48
C PRO A 10 -16.86 -11.63 39.98
N PRO A 11 -16.79 -12.97 40.12
CA PRO A 11 -15.56 -13.67 39.72
C PRO A 11 -15.37 -13.70 38.21
N ASN A 12 -16.31 -14.25 37.45
CA ASN A 12 -16.33 -14.07 36.00
C ASN A 12 -17.47 -13.16 35.55
N LEU A 13 -18.04 -12.38 36.47
CA LEU A 13 -19.20 -11.55 36.11
C LEU A 13 -18.89 -10.67 34.92
N THR A 14 -17.65 -10.14 34.85
CA THR A 14 -17.23 -9.40 33.68
C THR A 14 -17.24 -10.27 32.44
N LYS A 15 -16.66 -11.47 32.55
CA LYS A 15 -16.58 -12.39 31.40
C LYS A 15 -17.93 -12.60 30.74
N LYS A 16 -19.00 -12.59 31.53
CA LYS A 16 -20.34 -12.77 30.96
C LYS A 16 -20.90 -11.46 30.41
N MET A 17 -20.57 -10.32 31.04
CA MET A 17 -20.95 -9.04 30.46
C MET A 17 -20.27 -8.83 29.12
N LYS A 18 -19.02 -9.30 28.99
CA LYS A 18 -18.32 -9.21 27.72
C LYS A 18 -19.10 -9.89 26.61
N LYS A 19 -19.41 -11.18 26.79
CA LYS A 19 -20.20 -11.92 25.81
C LYS A 19 -21.46 -11.16 25.44
N ILE A 20 -22.14 -10.61 26.45
CA ILE A 20 -23.40 -9.91 26.21
C ILE A 20 -23.18 -8.73 25.27
N VAL A 21 -22.24 -7.84 25.62
CA VAL A 21 -21.98 -6.69 24.78
C VAL A 21 -21.37 -7.11 23.45
N ASP A 22 -20.44 -8.08 23.49
CA ASP A 22 -19.83 -8.59 22.27
C ASP A 22 -20.91 -9.09 21.30
N ALA A 23 -21.96 -9.71 21.82
CA ALA A 23 -23.01 -10.25 20.96
C ALA A 23 -23.86 -9.14 20.36
N VAL A 24 -24.24 -8.14 21.17
CA VAL A 24 -25.11 -7.08 20.69
C VAL A 24 -24.43 -6.29 19.58
N ILE A 25 -23.14 -6.00 19.75
CA ILE A 25 -22.43 -5.20 18.75
C ILE A 25 -22.33 -5.96 17.44
N LYS A 26 -21.84 -7.20 17.49
CA LYS A 26 -21.71 -8.02 16.28
C LYS A 26 -23.05 -8.42 15.68
N TYR A 27 -24.17 -8.00 16.27
CA TYR A 27 -25.47 -8.29 15.68
C TYR A 27 -25.53 -7.78 14.25
N LYS A 28 -25.99 -8.64 13.35
CA LYS A 28 -26.16 -8.30 11.94
C LYS A 28 -27.63 -8.39 11.57
N ASP A 29 -28.09 -7.42 10.78
CA ASP A 29 -29.45 -7.49 10.27
C ASP A 29 -29.62 -8.71 9.38
N SER A 30 -30.80 -9.32 9.45
CA SER A 30 -31.03 -10.55 8.68
C SER A 30 -31.18 -10.27 7.19
N SER A 31 -31.73 -9.11 6.83
CA SER A 31 -31.91 -8.77 5.42
C SER A 31 -30.75 -7.95 4.86
N SER A 32 -30.27 -6.96 5.62
CA SER A 32 -29.23 -6.06 5.14
C SER A 32 -27.82 -6.53 5.50
N GLY A 33 -27.63 -7.08 6.69
CA GLY A 33 -26.35 -7.58 7.12
C GLY A 33 -25.48 -6.56 7.84
N ARG A 34 -25.85 -5.28 7.82
CA ARG A 34 -25.03 -4.27 8.46
C ARG A 34 -25.01 -4.48 9.97
N GLN A 35 -23.93 -4.00 10.60
CA GLN A 35 -23.67 -4.35 12.00
C GLN A 35 -24.62 -3.65 12.97
N LEU A 36 -25.40 -2.67 12.49
CA LEU A 36 -26.58 -2.19 13.19
C LEU A 36 -26.26 -1.59 14.55
N SER A 37 -24.99 -1.63 14.95
CA SER A 37 -24.57 -1.01 16.19
C SER A 37 -23.52 0.06 15.97
N GLU A 38 -23.12 0.29 14.72
CA GLU A 38 -21.94 1.09 14.44
C GLU A 38 -22.18 2.57 14.69
N VAL A 39 -23.43 3.04 14.54
CA VAL A 39 -23.73 4.42 14.87
C VAL A 39 -23.43 4.69 16.34
N PHE A 40 -23.75 3.72 17.19
CA PHE A 40 -23.75 3.88 18.64
C PHE A 40 -22.39 3.61 19.25
N ILE A 41 -21.40 3.24 18.43
CA ILE A 41 -20.12 2.77 18.95
C ILE A 41 -19.37 3.92 19.62
N GLN A 42 -19.02 4.93 18.84
CA GLN A 42 -18.41 6.15 19.37
C GLN A 42 -19.34 7.33 19.11
N LEU A 43 -19.67 8.06 20.16
CA LEU A 43 -20.55 9.22 20.09
C LEU A 43 -19.72 10.46 19.78
N PRO A 44 -20.08 11.25 18.77
CA PRO A 44 -19.26 12.40 18.39
C PRO A 44 -19.09 13.39 19.55
N SER A 45 -18.04 14.20 19.45
CA SER A 45 -17.58 15.00 20.57
C SER A 45 -18.47 16.22 20.81
N ARG A 46 -18.18 16.92 21.91
CA ARG A 46 -18.95 18.11 22.29
C ARG A 46 -18.81 19.22 21.26
N LYS A 47 -17.57 19.63 20.97
CA LYS A 47 -17.30 20.65 19.96
C LYS A 47 -18.07 20.40 18.66
N GLU A 48 -18.33 19.13 18.36
CA GLU A 48 -18.82 18.71 17.07
C GLU A 48 -20.28 18.33 17.07
N LEU A 49 -20.92 18.34 18.22
CA LEU A 49 -22.34 18.03 18.37
C LEU A 49 -22.83 18.63 19.68
N PRO A 50 -22.93 19.96 19.78
CA PRO A 50 -23.30 20.56 21.07
C PRO A 50 -24.73 20.30 21.47
N GLU A 51 -25.63 20.02 20.52
CA GLU A 51 -27.04 19.89 20.87
C GLU A 51 -27.39 18.53 21.45
N TYR A 52 -26.61 17.48 21.17
CA TYR A 52 -26.84 16.22 21.86
C TYR A 52 -26.58 16.36 23.36
N TYR A 53 -25.35 16.71 23.71
CA TYR A 53 -24.92 16.75 25.11
C TYR A 53 -25.78 17.68 25.96
N GLU A 54 -26.47 18.64 25.34
CA GLU A 54 -27.32 19.54 26.12
C GLU A 54 -28.72 18.96 26.31
N LEU A 55 -29.30 18.37 25.27
CA LEU A 55 -30.64 17.81 25.39
C LEU A 55 -30.66 16.53 26.20
N ILE A 56 -29.53 15.82 26.28
CA ILE A 56 -29.47 14.49 26.89
C ILE A 56 -28.88 14.60 28.29
N ARG A 57 -29.57 14.02 29.26
CA ARG A 57 -29.14 14.10 30.66
C ARG A 57 -27.79 13.39 30.85
N LYS A 58 -27.75 12.09 30.58
CA LYS A 58 -26.56 11.26 30.80
C LYS A 58 -26.16 10.64 29.48
N PRO A 59 -25.34 11.32 28.67
CA PRO A 59 -24.88 10.72 27.41
C PRO A 59 -24.08 9.44 27.66
N VAL A 60 -24.18 8.52 26.72
CA VAL A 60 -23.47 7.24 26.82
C VAL A 60 -23.38 6.63 25.44
N ASP A 61 -22.27 5.93 25.19
CA ASP A 61 -22.12 5.09 24.01
C ASP A 61 -21.49 3.77 24.46
N PHE A 62 -21.22 2.89 23.50
CA PHE A 62 -20.71 1.56 23.85
C PHE A 62 -19.26 1.62 24.33
N LYS A 63 -18.45 2.50 23.73
CA LYS A 63 -17.04 2.61 24.14
C LYS A 63 -16.93 2.89 25.62
N LYS A 64 -17.85 3.69 26.17
CA LYS A 64 -17.87 3.94 27.60
C LYS A 64 -18.34 2.69 28.36
N ILE A 65 -19.36 2.01 27.85
CA ILE A 65 -19.81 0.77 28.47
C ILE A 65 -18.71 -0.29 28.41
N LYS A 66 -18.07 -0.41 27.25
CA LYS A 66 -16.93 -1.32 27.10
C LYS A 66 -15.90 -1.10 28.19
N GLU A 67 -15.54 0.15 28.44
CA GLU A 67 -14.51 0.44 29.42
C GLU A 67 -15.05 0.67 30.82
N ARG A 68 -16.37 0.91 30.95
CA ARG A 68 -16.99 0.80 32.28
C ARG A 68 -16.95 -0.64 32.77
N ILE A 69 -17.25 -1.59 31.88
CA ILE A 69 -17.07 -3.00 32.19
C ILE A 69 -15.62 -3.27 32.57
N ARG A 70 -14.68 -2.61 31.89
CA ARG A 70 -13.26 -2.83 32.18
C ARG A 70 -12.92 -2.39 33.60
N ASN A 71 -13.49 -1.27 34.04
CA ASN A 71 -13.37 -0.87 35.43
C ASN A 71 -14.30 -1.67 36.35
N HIS A 72 -15.09 -2.58 35.77
CA HIS A 72 -16.14 -3.32 36.47
C HIS A 72 -16.81 -2.49 37.55
N LYS A 73 -17.43 -1.39 37.12
CA LYS A 73 -18.31 -0.59 37.96
C LYS A 73 -19.75 -1.08 37.92
N TYR A 74 -20.04 -2.15 37.19
CA TYR A 74 -21.35 -2.76 37.16
C TYR A 74 -21.42 -3.79 38.28
N ARG A 75 -22.13 -3.46 39.36
CA ARG A 75 -22.27 -4.42 40.45
C ARG A 75 -23.10 -5.63 40.02
N SER A 76 -24.08 -5.42 39.14
CA SER A 76 -24.98 -6.47 38.71
C SER A 76 -25.13 -6.45 37.20
N LEU A 77 -25.64 -7.56 36.66
CA LEU A 77 -26.15 -7.54 35.29
C LEU A 77 -27.34 -6.60 35.18
N ASN A 78 -28.22 -6.63 36.17
CA ASN A 78 -29.30 -5.65 36.25
C ASN A 78 -28.75 -4.23 36.24
N ASP A 79 -27.53 -4.04 36.75
CA ASP A 79 -26.85 -2.76 36.59
C ASP A 79 -26.46 -2.52 35.14
N LEU A 80 -25.83 -3.52 34.51
CA LEU A 80 -25.37 -3.34 33.13
C LEU A 80 -26.53 -3.05 32.20
N GLU A 81 -27.69 -3.63 32.46
CA GLU A 81 -28.82 -3.49 31.54
C GLU A 81 -29.27 -2.03 31.46
N LYS A 82 -29.49 -1.39 32.60
CA LYS A 82 -30.06 -0.05 32.58
C LYS A 82 -29.11 1.00 32.05
N ASP A 83 -27.83 0.67 31.82
CA ASP A 83 -26.99 1.54 31.00
C ASP A 83 -27.28 1.33 29.52
N VAL A 84 -27.17 0.09 29.04
CA VAL A 84 -27.53 -0.22 27.65
C VAL A 84 -28.96 0.20 27.38
N MET A 85 -29.84 0.11 28.38
CA MET A 85 -31.20 0.61 28.22
C MET A 85 -31.21 2.14 28.09
N LEU A 86 -30.46 2.82 28.94
CA LEU A 86 -30.33 4.27 28.83
C LEU A 86 -29.78 4.68 27.47
N LEU A 87 -28.88 3.87 26.90
CA LEU A 87 -28.26 4.21 25.63
C LEU A 87 -29.31 4.37 24.54
N CYS A 88 -30.19 3.38 24.40
CA CYS A 88 -31.25 3.47 23.38
C CYS A 88 -32.27 4.54 23.73
N GLN A 89 -32.63 4.65 25.02
CA GLN A 89 -33.56 5.69 25.44
C GLN A 89 -33.05 7.08 25.05
N ASN A 90 -31.73 7.27 25.04
CA ASN A 90 -31.16 8.52 24.55
C ASN A 90 -31.42 8.70 23.07
N ALA A 91 -31.01 7.71 22.26
CA ALA A 91 -31.15 7.81 20.81
C ALA A 91 -32.60 7.97 20.38
N GLN A 92 -33.54 7.44 21.18
CA GLN A 92 -34.95 7.55 20.84
C GLN A 92 -35.50 8.96 21.07
N THR A 93 -34.88 9.73 21.96
CA THR A 93 -35.29 11.12 22.16
C THR A 93 -34.64 12.06 21.14
N PHE A 94 -33.35 11.90 20.90
CA PHE A 94 -32.65 12.75 19.94
C PHE A 94 -33.15 12.55 18.52
N ASN A 95 -33.71 11.37 18.22
CA ASN A 95 -34.07 11.02 16.86
C ASN A 95 -35.59 10.91 16.71
N LEU A 96 -36.04 10.97 15.47
CA LEU A 96 -37.46 11.04 15.16
C LEU A 96 -38.05 9.64 15.11
N GLU A 97 -39.26 9.48 15.65
CA GLU A 97 -39.93 8.19 15.59
C GLU A 97 -40.02 7.72 14.15
N GLY A 98 -39.42 6.57 13.87
CA GLY A 98 -39.38 6.02 12.53
C GLY A 98 -38.11 6.29 11.78
N SER A 99 -37.31 7.26 12.22
CA SER A 99 -36.00 7.45 11.63
C SER A 99 -35.18 6.18 11.79
N LEU A 100 -34.17 6.05 10.92
CA LEU A 100 -33.39 4.81 10.90
C LEU A 100 -32.75 4.56 12.27
N ILE A 101 -32.10 5.58 12.83
CA ILE A 101 -31.45 5.41 14.13
C ILE A 101 -32.47 5.06 15.20
N TYR A 102 -33.64 5.71 15.15
CA TYR A 102 -34.68 5.46 16.15
C TYR A 102 -35.10 3.99 16.16
N GLU A 103 -35.62 3.50 15.03
CA GLU A 103 -36.14 2.14 15.00
C GLU A 103 -35.08 1.09 15.27
N ASP A 104 -33.81 1.45 15.20
CA ASP A 104 -32.74 0.49 15.46
C ASP A 104 -32.38 0.43 16.94
N SER A 105 -32.38 1.58 17.61
CA SER A 105 -32.23 1.58 19.07
C SER A 105 -33.28 0.71 19.72
N ILE A 106 -34.50 0.71 19.17
CA ILE A 106 -35.56 -0.16 19.67
C ILE A 106 -35.19 -1.63 19.46
N VAL A 107 -34.60 -1.94 18.30
CA VAL A 107 -34.22 -3.32 18.00
C VAL A 107 -33.21 -3.82 19.01
N LEU A 108 -32.19 -3.03 19.30
CA LEU A 108 -31.13 -3.47 20.20
C LEU A 108 -31.64 -3.64 21.62
N GLN A 109 -32.67 -2.89 22.02
CA GLN A 109 -33.32 -3.13 23.30
C GLN A 109 -33.74 -4.59 23.43
N SER A 110 -34.44 -5.11 22.42
CA SER A 110 -34.80 -6.51 22.37
C SER A 110 -33.68 -7.40 21.88
N VAL A 111 -32.54 -6.83 21.50
CA VAL A 111 -31.34 -7.63 21.25
C VAL A 111 -30.61 -7.90 22.56
N PHE A 112 -30.43 -6.87 23.39
CA PHE A 112 -29.90 -7.10 24.74
C PHE A 112 -30.86 -7.95 25.56
N THR A 113 -32.17 -7.79 25.36
CA THR A 113 -33.15 -8.61 26.04
C THR A 113 -32.93 -10.09 25.74
N SER A 114 -33.05 -10.47 24.47
CA SER A 114 -32.94 -11.87 24.08
C SER A 114 -31.56 -12.45 24.35
N VAL A 115 -30.52 -11.62 24.47
CA VAL A 115 -29.18 -12.14 24.69
C VAL A 115 -28.93 -12.42 26.18
N ARG A 116 -29.49 -11.60 27.08
CA ARG A 116 -29.25 -11.82 28.50
C ARG A 116 -29.72 -13.21 28.95
N GLN A 117 -30.83 -13.68 28.40
CA GLN A 117 -31.37 -14.98 28.82
C GLN A 117 -30.42 -16.11 28.50
N LYS A 118 -29.84 -16.10 27.30
CA LYS A 118 -28.99 -17.23 26.90
C LYS A 118 -27.73 -17.29 27.75
N ILE A 119 -27.12 -16.16 28.07
CA ILE A 119 -25.80 -16.16 28.69
C ILE A 119 -25.86 -16.65 30.13
N GLU A 120 -26.70 -16.03 30.96
CA GLU A 120 -26.73 -16.34 32.38
C GLU A 120 -26.90 -17.83 32.62
N LYS A 121 -27.93 -18.42 32.01
CA LYS A 121 -28.30 -19.79 32.35
C LYS A 121 -27.23 -20.79 31.91
N GLU A 122 -26.89 -20.79 30.62
CA GLU A 122 -26.12 -21.88 30.03
C GLU A 122 -24.67 -21.93 30.51
N ASP A 123 -24.35 -21.17 31.55
CA ASP A 123 -23.04 -21.20 32.19
C ASP A 123 -23.18 -21.40 33.69
N ASP A 124 -24.19 -22.15 34.11
CA ASP A 124 -24.58 -22.24 35.53
C ASP A 124 -24.90 -20.86 36.09
N MET B 1 -0.58 -6.44 -25.71
CA MET B 1 -0.32 -5.20 -25.00
C MET B 1 1.12 -4.75 -25.25
N ASP B 2 1.91 -4.65 -24.18
CA ASP B 2 3.30 -4.19 -24.25
C ASP B 2 4.14 -5.13 -23.40
N VAL B 3 5.04 -5.87 -24.04
CA VAL B 3 5.90 -6.83 -23.36
C VAL B 3 7.33 -6.28 -23.32
N PHE B 4 7.94 -6.35 -22.13
CA PHE B 4 9.27 -5.80 -21.89
C PHE B 4 10.27 -6.94 -21.80
N LEU B 5 11.28 -6.93 -22.68
CA LEU B 5 12.18 -8.06 -22.76
C LEU B 5 13.65 -7.68 -22.63
N MET B 6 14.51 -8.64 -22.95
CA MET B 6 15.92 -8.59 -22.56
C MET B 6 16.69 -9.59 -23.41
N ILE B 7 17.55 -9.08 -24.29
CA ILE B 7 18.39 -9.91 -25.15
C ILE B 7 19.82 -9.80 -24.68
N ARG B 8 20.52 -10.95 -24.64
CA ARG B 8 21.90 -11.00 -24.20
C ARG B 8 22.76 -11.78 -25.19
N ARG B 9 24.02 -11.35 -25.33
CA ARG B 9 24.97 -12.02 -26.21
C ARG B 9 26.36 -11.76 -25.65
N HIS B 10 26.95 -12.80 -25.04
CA HIS B 10 28.30 -12.73 -24.49
C HIS B 10 28.48 -11.51 -23.59
N LYS B 11 27.52 -11.30 -22.68
CA LYS B 11 27.49 -10.31 -21.61
C LYS B 11 27.04 -8.93 -22.07
N THR B 12 26.88 -8.68 -23.37
CA THR B 12 26.33 -7.42 -23.86
C THR B 12 24.82 -7.57 -24.01
N THR B 13 24.07 -6.57 -23.55
CA THR B 13 22.65 -6.77 -23.27
C THR B 13 21.85 -5.50 -23.61
N ILE B 14 20.61 -5.72 -24.06
CA ILE B 14 19.70 -4.68 -24.52
C ILE B 14 18.42 -4.75 -23.69
N PHE B 15 17.99 -3.60 -23.15
CA PHE B 15 16.65 -3.44 -22.57
C PHE B 15 15.78 -2.62 -23.51
N THR B 16 14.67 -3.19 -23.94
CA THR B 16 13.69 -2.48 -24.75
C THR B 16 12.34 -3.18 -24.55
N ASP B 17 11.33 -2.71 -25.29
CA ASP B 17 9.95 -3.14 -25.11
C ASP B 17 9.24 -3.14 -26.47
N ALA B 18 8.36 -4.12 -26.68
CA ALA B 18 7.61 -4.24 -27.91
C ALA B 18 6.23 -4.80 -27.61
N LYS B 19 5.46 -5.05 -28.66
CA LYS B 19 4.08 -5.48 -28.52
C LYS B 19 4.00 -7.00 -28.45
N GLU B 20 2.90 -7.52 -27.93
CA GLU B 20 2.73 -8.95 -27.86
C GLU B 20 2.69 -9.62 -29.21
N SER B 21 2.73 -8.84 -30.29
CA SER B 21 2.70 -9.38 -31.65
C SER B 21 3.17 -8.33 -32.64
N LEU B 27 10.54 -8.54 -35.93
CA LEU B 27 11.06 -8.43 -34.58
C LEU B 27 12.48 -7.90 -34.60
N LYS B 28 13.39 -8.77 -35.08
CA LYS B 28 14.82 -8.47 -35.02
C LYS B 28 15.18 -7.20 -35.77
N ARG B 29 14.37 -6.75 -36.73
CA ARG B 29 14.67 -5.57 -37.52
C ARG B 29 15.28 -4.44 -36.68
N ILE B 30 14.75 -4.24 -35.47
CA ILE B 30 15.33 -3.29 -34.53
C ILE B 30 16.80 -3.59 -34.26
N VAL B 31 17.21 -4.87 -34.31
CA VAL B 31 18.61 -5.23 -34.09
C VAL B 31 19.47 -4.60 -35.18
N GLU B 32 19.01 -4.69 -36.44
CA GLU B 32 19.81 -4.18 -37.55
C GLU B 32 20.07 -2.68 -37.43
N GLY B 33 19.12 -1.93 -36.89
CA GLY B 33 19.34 -0.50 -36.71
C GLY B 33 20.35 -0.18 -35.63
N ILE B 34 20.45 -1.04 -34.62
CA ILE B 34 21.31 -0.79 -33.46
C ILE B 34 22.67 -1.45 -33.63
N LEU B 35 22.69 -2.72 -34.04
CA LEU B 35 23.94 -3.44 -34.21
C LEU B 35 24.54 -3.28 -35.60
N LYS B 36 23.81 -2.65 -36.54
CA LYS B 36 24.28 -2.44 -37.90
C LYS B 36 24.75 -3.74 -38.56
N ARG B 37 24.11 -4.84 -38.17
CA ARG B 37 24.26 -6.15 -38.78
C ARG B 37 22.91 -6.62 -39.31
N PRO B 38 22.90 -7.36 -40.43
CA PRO B 38 21.64 -7.68 -41.07
C PRO B 38 20.77 -8.53 -40.17
N PRO B 39 19.44 -8.41 -40.28
CA PRO B 39 18.54 -9.15 -39.39
C PRO B 39 18.40 -10.63 -39.73
N ASP B 40 18.59 -10.99 -41.00
CA ASP B 40 18.43 -12.39 -41.38
C ASP B 40 19.55 -13.26 -40.84
N GLU B 41 20.74 -12.69 -40.66
CA GLU B 41 21.84 -13.42 -40.05
C GLU B 41 21.51 -13.86 -38.63
N GLN B 42 20.53 -13.22 -37.99
CA GLN B 42 20.16 -13.54 -36.62
C GLN B 42 19.29 -14.79 -36.56
N LEU B 44 18.67 -16.41 -32.93
CA LEU B 44 17.68 -15.63 -32.20
C LEU B 44 16.62 -16.57 -31.61
N TYR B 45 16.75 -16.86 -30.32
CA TYR B 45 15.95 -17.91 -29.69
C TYR B 45 16.11 -17.88 -28.18
N LYS B 46 15.33 -18.71 -27.51
CA LYS B 46 15.39 -18.89 -26.06
C LYS B 46 15.48 -20.37 -25.74
N ASP B 47 16.36 -20.71 -24.80
CA ASP B 47 16.39 -22.03 -24.17
C ASP B 47 16.54 -23.15 -25.20
N ASP B 48 17.37 -22.91 -26.22
CA ASP B 48 17.65 -23.87 -27.29
C ASP B 48 16.38 -24.26 -28.04
N GLN B 49 15.87 -23.32 -28.82
CA GLN B 49 14.66 -23.49 -29.61
C GLN B 49 14.52 -22.27 -30.45
N LEU B 50 15.45 -22.11 -31.38
CA LEU B 50 15.42 -20.95 -32.22
C LEU B 50 14.02 -20.63 -32.58
N LEU B 51 13.88 -19.46 -33.16
CA LEU B 51 12.61 -18.93 -33.59
C LEU B 51 12.76 -18.41 -34.98
N ASP B 52 12.15 -19.06 -35.95
CA ASP B 52 12.30 -18.60 -37.31
C ASP B 52 11.43 -17.40 -37.62
N ASP B 53 10.18 -17.66 -37.95
CA ASP B 53 9.23 -16.63 -38.33
C ASP B 53 9.18 -15.49 -37.34
N GLY B 54 10.04 -14.49 -37.51
CA GLY B 54 10.15 -13.38 -36.60
C GLY B 54 8.96 -12.48 -36.38
N LYS B 55 9.06 -11.65 -35.35
CA LYS B 55 8.05 -10.66 -34.98
C LYS B 55 6.66 -11.14 -34.55
N THR B 56 6.48 -12.43 -34.30
CA THR B 56 5.18 -12.95 -33.84
C THR B 56 5.10 -13.07 -32.33
N LEU B 57 6.15 -12.55 -31.72
CA LEU B 57 6.39 -12.50 -30.28
C LEU B 57 5.63 -13.49 -29.42
N GLY B 58 4.40 -13.14 -29.11
CA GLY B 58 3.59 -13.95 -28.24
C GLY B 58 3.51 -15.43 -28.50
N GLU B 59 3.41 -15.80 -29.77
CA GLU B 59 3.26 -17.19 -30.14
C GLU B 59 4.29 -18.14 -29.52
N CYS B 60 5.36 -17.59 -28.99
CA CYS B 60 6.32 -18.42 -28.30
C CYS B 60 6.23 -18.47 -26.78
N GLY B 61 5.51 -17.58 -26.11
CA GLY B 61 5.46 -17.66 -24.67
C GLY B 61 5.61 -16.33 -23.97
N PHE B 62 5.77 -15.24 -24.71
CA PHE B 62 6.11 -13.93 -24.14
C PHE B 62 4.87 -13.05 -24.02
N THR B 63 3.89 -13.55 -23.28
CA THR B 63 2.69 -12.77 -23.03
C THR B 63 2.99 -11.61 -22.08
N SER B 64 1.99 -10.76 -21.88
CA SER B 64 2.19 -9.48 -21.19
C SER B 64 2.47 -9.62 -19.69
N GLN B 65 2.49 -10.83 -19.14
CA GLN B 65 2.78 -11.03 -17.73
C GLN B 65 4.18 -11.58 -17.47
N THR B 66 4.75 -12.31 -18.41
CA THR B 66 6.11 -12.84 -18.23
C THR B 66 7.16 -11.79 -18.54
N ALA B 67 7.00 -11.09 -19.66
CA ALA B 67 7.97 -10.09 -20.10
C ALA B 67 7.52 -8.71 -19.63
N ARG B 68 7.59 -8.53 -18.30
CA ARG B 68 7.19 -7.30 -17.62
C ARG B 68 8.42 -6.55 -17.11
N PRO B 69 8.32 -5.21 -16.95
CA PRO B 69 9.55 -4.41 -16.79
C PRO B 69 10.37 -4.79 -15.57
N GLN B 70 9.74 -5.06 -14.43
CA GLN B 70 10.51 -5.40 -13.23
C GLN B 70 11.11 -6.80 -13.28
N ALA B 71 10.86 -7.55 -14.35
CA ALA B 71 11.48 -8.86 -14.55
C ALA B 71 11.37 -9.25 -16.02
N PRO B 72 12.16 -8.64 -16.90
CA PRO B 72 12.04 -8.92 -18.34
C PRO B 72 12.34 -10.38 -18.66
N ALA B 73 12.00 -10.77 -19.88
CA ALA B 73 12.19 -12.13 -20.36
C ALA B 73 13.44 -12.23 -21.22
N THR B 74 14.20 -13.31 -21.02
CA THR B 74 15.50 -13.46 -21.65
C THR B 74 15.35 -14.02 -23.06
N VAL B 75 16.08 -13.42 -24.00
CA VAL B 75 16.15 -13.89 -25.38
C VAL B 75 17.61 -13.88 -25.82
N GLY B 76 18.00 -14.88 -26.63
CA GLY B 76 19.37 -14.98 -27.09
C GLY B 76 19.54 -14.59 -28.55
N LEU B 77 20.77 -14.29 -28.96
CA LEU B 77 21.05 -13.84 -30.31
C LEU B 77 22.21 -14.62 -30.90
N ALA B 78 22.11 -14.95 -32.18
CA ALA B 78 23.15 -15.70 -32.88
C ALA B 78 23.98 -14.77 -33.77
N PHE B 85 27.02 -15.66 -37.82
CA PHE B 85 26.54 -17.04 -37.76
C PHE B 85 27.36 -17.88 -36.77
N GLU B 86 26.98 -17.80 -35.50
CA GLU B 86 27.65 -18.54 -34.45
C GLU B 86 26.64 -18.87 -33.35
N ALA B 87 26.84 -20.02 -32.72
CA ALA B 87 26.14 -20.37 -31.50
C ALA B 87 27.00 -19.96 -30.31
N LEU B 88 26.35 -19.67 -29.19
CA LEU B 88 27.12 -19.16 -28.06
C LEU B 88 26.29 -19.24 -26.79
N CYS B 89 27.00 -19.32 -25.67
CA CYS B 89 26.41 -19.16 -24.34
C CYS B 89 26.74 -17.75 -23.86
N ILE B 90 25.72 -16.89 -23.83
CA ILE B 90 25.92 -15.53 -23.35
C ILE B 90 26.42 -15.58 -21.91
N GLU B 91 27.53 -14.90 -21.66
CA GLU B 91 28.23 -15.05 -20.39
C GLU B 91 27.39 -14.58 -19.22
N PRO B 92 27.14 -15.40 -18.21
CA PRO B 92 26.33 -14.96 -17.06
C PRO B 92 27.01 -13.85 -16.27
N PHE B 93 26.39 -13.44 -15.16
CA PHE B 93 26.87 -12.33 -14.37
C PHE B 93 27.52 -12.82 -13.07
N SER B 94 27.85 -11.87 -12.20
CA SER B 94 28.44 -12.17 -10.91
C SER B 94 27.37 -12.62 -9.91
N SER B 95 27.82 -13.23 -8.82
CA SER B 95 26.96 -13.85 -7.83
C SER B 95 26.92 -13.04 -6.54
N PRO B 96 25.86 -13.18 -5.74
CA PRO B 96 25.66 -12.29 -4.57
C PRO B 96 26.48 -12.75 -3.38
N PRO B 97 26.64 -11.87 -2.36
CA PRO B 97 27.51 -12.19 -1.22
C PRO B 97 26.80 -12.73 0.01
N GLU B 98 25.51 -12.43 0.16
CA GLU B 98 24.67 -12.88 1.29
C GLU B 98 25.28 -12.52 2.65
N LEU B 99 25.50 -11.22 2.86
CA LEU B 99 26.10 -10.73 4.10
C LEU B 99 25.30 -11.24 5.31
N PRO B 100 25.97 -11.51 6.45
CA PRO B 100 25.37 -12.35 7.48
C PRO B 100 24.53 -11.64 8.54
N ASP B 101 24.54 -10.31 8.54
CA ASP B 101 23.76 -9.55 9.52
C ASP B 101 22.27 -9.77 9.32
N VAL B 102 21.85 -9.92 8.06
CA VAL B 102 20.45 -10.14 7.74
C VAL B 102 20.08 -11.61 7.88
N MET B 103 19.41 -11.94 8.98
CA MET B 103 19.00 -13.31 9.23
C MET B 103 19.96 -14.05 10.14
N MET C 1 19.99 8.16 -28.94
CA MET C 1 18.87 7.23 -28.83
C MET C 1 19.08 6.22 -27.70
N TYR C 2 20.02 5.30 -27.89
CA TYR C 2 20.36 4.31 -26.88
C TYR C 2 21.77 4.55 -26.36
N VAL C 3 22.03 4.01 -25.17
CA VAL C 3 23.32 4.16 -24.53
C VAL C 3 23.79 2.84 -23.93
N SER C 8 33.09 -7.13 -16.63
CA SER C 8 32.01 -7.57 -15.75
C SER C 8 31.63 -6.49 -14.75
N ASP C 9 32.60 -6.02 -13.96
CA ASP C 9 32.36 -5.02 -12.92
C ASP C 9 32.26 -3.64 -13.53
N GLY C 10 31.86 -3.56 -14.79
CA GLY C 10 31.67 -2.29 -15.48
C GLY C 10 30.28 -2.11 -16.04
N HIS C 11 30.11 -1.11 -16.91
CA HIS C 11 28.82 -0.82 -17.49
C HIS C 11 28.37 -1.90 -18.44
N GLU C 12 28.99 -1.97 -19.62
CA GLU C 12 28.76 -3.02 -20.63
C GLU C 12 27.29 -3.15 -21.04
N PHE C 13 26.47 -2.14 -20.81
CA PHE C 13 25.03 -2.25 -20.98
C PHE C 13 24.50 -1.10 -21.81
N ILE C 14 23.38 -1.36 -22.47
CA ILE C 14 22.75 -0.42 -23.40
C ILE C 14 21.25 -0.37 -23.09
N VAL C 15 20.73 0.84 -22.89
CA VAL C 15 19.32 1.09 -22.64
C VAL C 15 18.94 2.37 -23.39
N LYS C 16 17.64 2.63 -23.48
CA LYS C 16 17.17 3.88 -24.05
C LYS C 16 17.76 5.06 -23.28
N ARG C 17 17.92 6.17 -24.00
CA ARG C 17 18.45 7.37 -23.37
C ARG C 17 17.48 7.93 -22.32
N GLU C 18 16.19 7.90 -22.62
CA GLU C 18 15.20 8.41 -21.68
C GLU C 18 15.12 7.55 -20.43
N HIS C 19 15.26 6.23 -20.58
CA HIS C 19 15.35 5.37 -19.41
C HIS C 19 16.61 5.65 -18.61
N ALA C 20 17.70 6.04 -19.28
CA ALA C 20 18.88 6.48 -18.56
C ALA C 20 18.60 7.74 -17.76
N LEU C 21 17.88 8.69 -18.34
CA LEU C 21 17.56 9.96 -17.69
C LEU C 21 16.88 9.78 -16.33
N THR C 22 16.50 8.54 -15.99
CA THR C 22 15.85 8.28 -14.71
C THR C 22 16.74 8.68 -13.54
N SER C 23 17.98 8.19 -13.55
CA SER C 23 18.92 8.48 -12.48
C SER C 23 19.43 9.90 -12.61
N GLY C 24 19.60 10.59 -11.47
CA GLY C 24 20.08 11.96 -11.52
C GLY C 24 21.58 12.06 -11.72
N THR C 25 22.34 11.15 -11.13
CA THR C 25 23.79 11.18 -11.31
C THR C 25 24.18 10.90 -12.75
N ILE C 26 23.47 9.99 -13.42
CA ILE C 26 23.79 9.70 -14.81
C ILE C 26 23.13 10.67 -15.76
N LYS C 27 22.44 11.69 -15.25
CA LYS C 27 22.08 12.86 -16.03
C LYS C 27 23.17 13.92 -16.04
N ALA C 28 24.37 13.57 -15.59
CA ALA C 28 25.45 14.54 -15.43
C ALA C 28 26.71 14.20 -16.21
N MET C 29 27.11 12.93 -16.23
CA MET C 29 28.38 12.57 -16.88
C MET C 29 28.35 12.86 -18.37
N LEU C 30 27.36 12.34 -19.08
CA LEU C 30 27.27 12.62 -20.51
C LEU C 30 26.36 13.82 -20.75
N SER C 31 26.53 14.41 -21.94
CA SER C 31 25.78 15.61 -22.35
C SER C 31 26.02 16.77 -21.38
N GLY C 32 27.16 16.79 -20.72
CA GLY C 32 27.50 17.85 -19.81
C GLY C 32 27.77 19.16 -20.53
N PRO C 33 27.21 20.25 -20.02
CA PRO C 33 27.29 21.63 -20.52
C PRO C 33 27.08 21.75 -22.03
N ASN C 42 26.64 9.08 -24.81
CA ASN C 42 27.69 8.21 -25.33
C ASN C 42 27.82 6.94 -24.50
N GLU C 43 29.04 6.47 -24.32
CA GLU C 43 29.34 5.44 -23.34
C GLU C 43 29.58 6.08 -21.99
N VAL C 44 29.24 5.33 -20.93
CA VAL C 44 29.56 5.70 -19.55
C VAL C 44 29.94 4.44 -18.80
N ASN C 45 31.04 4.49 -18.05
CA ASN C 45 31.61 3.34 -17.37
C ASN C 45 31.41 3.46 -15.86
N PHE C 46 31.24 2.30 -15.21
CA PHE C 46 31.12 2.23 -13.75
C PHE C 46 32.17 1.26 -13.24
N ARG C 47 33.12 1.79 -12.47
CA ARG C 47 34.27 1.03 -11.99
C ARG C 47 34.05 0.48 -10.58
N GLU C 48 32.89 0.75 -9.98
CA GLU C 48 32.49 0.16 -8.69
C GLU C 48 31.56 -1.02 -8.88
N ILE C 49 30.43 -0.80 -9.54
CA ILE C 49 29.24 -1.65 -9.47
C ILE C 49 29.41 -2.92 -10.29
N PRO C 50 28.96 -4.07 -9.80
CA PRO C 50 29.06 -5.32 -10.57
C PRO C 50 28.05 -5.35 -11.71
N SER C 51 28.03 -6.49 -12.41
CA SER C 51 27.10 -6.70 -13.52
C SER C 51 25.75 -7.26 -13.08
N HIS C 52 25.66 -7.81 -11.86
CA HIS C 52 24.37 -8.31 -11.39
C HIS C 52 23.51 -7.20 -10.81
N VAL C 53 24.14 -6.13 -10.28
CA VAL C 53 23.37 -5.01 -9.75
C VAL C 53 22.76 -4.20 -10.90
N LEU C 54 23.53 -3.99 -11.97
CA LEU C 54 23.05 -3.21 -13.11
C LEU C 54 21.82 -3.82 -13.75
N SER C 55 21.60 -5.13 -13.58
CA SER C 55 20.34 -5.72 -14.00
C SER C 55 19.17 -5.07 -13.28
N LYS C 56 19.14 -5.18 -11.95
CA LYS C 56 18.03 -4.66 -11.18
C LYS C 56 17.94 -3.13 -11.23
N VAL C 57 19.03 -2.45 -11.59
CA VAL C 57 18.98 -1.00 -11.72
C VAL C 57 18.17 -0.63 -12.95
N CYS C 58 18.69 -0.95 -14.14
CA CYS C 58 17.98 -0.61 -15.37
C CYS C 58 16.64 -1.32 -15.46
N MET C 59 16.42 -2.37 -14.66
CA MET C 59 15.07 -2.91 -14.53
C MET C 59 14.15 -1.90 -13.84
N TYR C 60 14.66 -1.21 -12.81
CA TYR C 60 13.91 -0.12 -12.21
C TYR C 60 13.69 1.00 -13.22
N PHE C 61 14.67 1.24 -14.09
CA PHE C 61 14.52 2.25 -15.14
C PHE C 61 13.28 1.97 -15.98
N THR C 62 13.21 0.77 -16.57
CA THR C 62 12.03 0.39 -17.34
C THR C 62 10.79 0.35 -16.47
N TYR C 63 10.93 -0.13 -15.22
CA TYR C 63 9.80 -0.15 -14.30
C TYR C 63 9.35 1.26 -13.95
N LYS C 64 10.26 2.23 -13.95
CA LYS C 64 9.90 3.59 -13.55
C LYS C 64 9.00 4.23 -14.60
N VAL C 65 9.45 4.29 -15.85
CA VAL C 65 8.75 5.07 -16.86
C VAL C 65 7.38 4.45 -17.18
N ARG C 66 7.32 3.13 -17.31
CA ARG C 66 6.08 2.48 -17.74
C ARG C 66 4.95 2.71 -16.75
N TYR C 67 5.27 2.91 -15.47
CA TYR C 67 4.25 2.97 -14.43
C TYR C 67 4.03 4.34 -13.82
N THR C 68 4.98 5.26 -13.96
CA THR C 68 4.80 6.60 -13.39
C THR C 68 3.66 7.34 -14.08
N ASN C 69 2.78 7.93 -13.28
CA ASN C 69 1.62 8.68 -13.77
C ASN C 69 0.85 7.87 -14.83
N SER C 70 0.66 6.59 -14.53
CA SER C 70 -0.27 5.73 -15.26
C SER C 70 -1.16 5.09 -14.21
N SER C 71 -2.45 5.45 -14.21
CA SER C 71 -3.34 5.21 -13.09
C SER C 71 -3.58 3.72 -12.85
N THR C 72 -3.00 2.86 -13.67
CA THR C 72 -3.17 1.43 -13.52
C THR C 72 -2.62 0.97 -12.16
N GLU C 73 -3.26 -0.05 -11.60
CA GLU C 73 -2.86 -0.64 -10.32
C GLU C 73 -1.38 -1.00 -10.35
N ILE C 74 -0.56 -0.18 -9.70
CA ILE C 74 0.89 -0.33 -9.83
C ILE C 74 1.36 -1.54 -9.03
N PRO C 75 2.11 -2.46 -9.62
CA PRO C 75 2.69 -3.57 -8.87
C PRO C 75 4.06 -3.22 -8.30
N GLU C 76 4.48 -4.03 -7.32
CA GLU C 76 5.72 -3.79 -6.63
C GLU C 76 6.92 -3.98 -7.54
N PHE C 77 7.97 -3.20 -7.29
CA PHE C 77 9.28 -3.53 -7.83
C PHE C 77 9.97 -4.51 -6.88
N PRO C 78 10.43 -5.65 -7.37
CA PRO C 78 10.94 -6.70 -6.49
C PRO C 78 12.43 -6.55 -6.19
N ILE C 79 12.82 -7.09 -5.04
CA ILE C 79 14.21 -7.09 -4.62
C ILE C 79 14.54 -8.39 -3.89
N ALA C 80 15.56 -9.10 -4.37
CA ALA C 80 15.99 -10.27 -3.61
C ALA C 80 16.86 -9.84 -2.44
N PRO C 81 16.70 -10.48 -1.27
CA PRO C 81 17.45 -10.00 -0.07
C PRO C 81 18.95 -9.97 -0.25
N GLU C 82 19.50 -10.90 -1.04
CA GLU C 82 20.94 -10.95 -1.30
C GLU C 82 21.41 -9.84 -2.21
N ILE C 83 20.50 -8.99 -2.68
CA ILE C 83 20.85 -7.90 -3.59
C ILE C 83 20.71 -6.54 -2.91
N ALA C 84 20.02 -6.44 -1.77
CA ALA C 84 19.63 -5.15 -1.21
C ALA C 84 20.82 -4.27 -0.88
N LEU C 85 21.86 -4.82 -0.25
CA LEU C 85 22.99 -4.01 0.19
C LEU C 85 23.67 -3.29 -0.97
N GLU C 86 23.74 -3.92 -2.14
CA GLU C 86 24.51 -3.37 -3.24
C GLU C 86 23.68 -2.55 -4.22
N LEU C 87 22.36 -2.79 -4.32
CA LEU C 87 21.49 -1.84 -5.01
C LEU C 87 21.38 -0.54 -4.24
N LEU C 88 21.35 -0.62 -2.91
CA LEU C 88 21.12 0.56 -2.09
C LEU C 88 22.25 1.55 -2.25
N MET C 89 23.50 1.09 -2.12
CA MET C 89 24.64 1.96 -2.39
C MET C 89 24.60 2.49 -3.81
N ALA C 90 24.16 1.65 -4.76
CA ALA C 90 24.01 2.05 -6.15
C ALA C 90 22.99 3.18 -6.26
N ALA C 91 21.74 2.89 -5.92
CA ALA C 91 20.69 3.90 -6.01
C ALA C 91 20.99 5.12 -5.16
N ASN C 92 21.83 4.99 -4.13
CA ASN C 92 22.35 6.17 -3.45
C ASN C 92 23.33 6.92 -4.33
N PHE C 93 24.30 6.20 -4.91
CA PHE C 93 25.31 6.72 -5.83
C PHE C 93 24.72 7.01 -7.20
N LEU C 94 23.40 6.89 -7.33
CA LEU C 94 22.73 7.18 -8.59
C LEU C 94 21.67 8.27 -8.51
N ASP C 95 21.32 8.76 -7.31
CA ASP C 95 20.31 9.82 -7.16
C ASP C 95 19.01 9.45 -7.87
N CYS C 96 18.55 8.22 -7.62
CA CYS C 96 17.31 7.74 -8.18
C CYS C 96 16.46 7.10 -7.08
N VAL D 11 -4.05 22.46 12.72
CA VAL D 11 -3.30 23.03 11.61
C VAL D 11 -3.67 22.40 10.28
N LEU D 12 -4.06 21.12 10.33
CA LEU D 12 -4.55 20.43 9.14
C LEU D 12 -5.43 19.27 9.62
N ARG D 13 -6.74 19.43 9.48
CA ARG D 13 -7.70 18.47 10.01
C ARG D 13 -8.96 18.50 9.17
N SER D 14 -10.01 17.85 9.68
CA SER D 14 -11.25 17.61 8.97
C SER D 14 -12.28 18.69 9.31
N VAL D 15 -13.19 18.93 8.36
CA VAL D 15 -14.24 19.92 8.52
C VAL D 15 -15.48 19.23 9.09
N ASN D 16 -16.14 19.90 10.04
CA ASN D 16 -17.31 19.32 10.70
C ASN D 16 -18.59 19.77 9.97
N SER D 17 -18.75 19.23 8.77
CA SER D 17 -20.06 19.16 8.16
C SER D 17 -20.64 17.80 8.52
N ARG D 18 -21.85 17.79 9.08
CA ARG D 18 -22.46 16.54 9.48
C ARG D 18 -22.96 15.74 8.29
N GLU D 19 -22.98 16.38 7.13
CA GLU D 19 -23.38 15.83 5.85
C GLU D 19 -22.59 14.56 5.54
N PRO D 20 -23.26 13.40 5.45
CA PRO D 20 -22.54 12.13 5.30
C PRO D 20 -22.00 11.95 3.88
N SER D 21 -21.22 10.89 3.73
CA SER D 21 -20.61 10.56 2.44
C SER D 21 -20.31 9.06 2.42
N GLN D 22 -21.15 8.30 1.73
CA GLN D 22 -20.84 6.89 1.51
C GLN D 22 -19.56 6.77 0.71
N VAL D 23 -18.54 6.14 1.32
CA VAL D 23 -17.23 6.01 0.71
C VAL D 23 -16.83 4.54 0.78
N ILE D 24 -15.95 4.13 -0.12
CA ILE D 24 -15.51 2.75 -0.24
C ILE D 24 -14.02 2.74 -0.57
N PHE D 25 -13.26 1.92 0.15
CA PHE D 25 -11.82 1.81 -0.04
C PHE D 25 -11.52 0.56 -0.87
N CYS D 26 -10.96 0.76 -2.06
CA CYS D 26 -10.46 -0.35 -2.87
C CYS D 26 -8.95 -0.41 -2.69
N ASN D 27 -8.49 -1.38 -1.91
CA ASN D 27 -7.07 -1.61 -1.73
C ASN D 27 -6.56 -2.30 -2.98
N ARG D 28 -5.93 -1.55 -3.87
CA ARG D 28 -5.35 -2.11 -5.09
C ARG D 28 -3.83 -1.96 -5.00
N SER D 29 -3.25 -2.75 -4.10
CA SER D 29 -1.82 -2.74 -3.82
C SER D 29 -1.50 -3.99 -2.99
N PRO D 30 -0.23 -4.44 -3.01
CA PRO D 30 0.13 -5.65 -2.27
C PRO D 30 0.33 -5.45 -0.76
N ARG D 31 0.32 -4.22 -0.26
CA ARG D 31 0.52 -4.01 1.17
C ARG D 31 -0.76 -4.26 1.95
N VAL D 32 -0.66 -4.12 3.27
CA VAL D 32 -1.82 -4.07 4.15
C VAL D 32 -2.04 -2.61 4.50
N VAL D 33 -3.12 -2.03 4.00
CA VAL D 33 -3.34 -0.58 4.09
C VAL D 33 -3.97 -0.25 5.43
N LEU D 34 -3.53 0.88 6.02
CA LEU D 34 -4.03 1.34 7.31
C LEU D 34 -4.74 2.66 7.12
N PRO D 35 -6.07 2.68 7.04
CA PRO D 35 -6.80 3.95 6.87
C PRO D 35 -6.67 4.82 8.11
N VAL D 36 -6.32 6.08 7.89
CA VAL D 36 -6.03 7.02 8.97
C VAL D 36 -6.97 8.21 8.85
N TRP D 37 -7.81 8.38 9.86
CA TRP D 37 -8.69 9.54 9.94
C TRP D 37 -7.99 10.65 10.73
N LEU D 38 -8.27 11.89 10.36
CA LEU D 38 -7.65 13.06 10.98
C LEU D 38 -8.66 13.74 11.90
N ASN D 39 -8.49 13.54 13.21
CA ASN D 39 -9.35 14.15 14.22
C ASN D 39 -9.34 15.67 14.10
N PHE D 40 -10.44 16.30 14.50
CA PHE D 40 -10.69 17.71 14.25
C PHE D 40 -9.72 18.64 14.97
N ASP D 41 -8.83 18.08 15.79
CA ASP D 41 -7.72 18.83 16.37
C ASP D 41 -6.42 18.65 15.59
N GLY D 42 -6.53 18.37 14.28
CA GLY D 42 -5.38 18.00 13.49
C GLY D 42 -4.86 16.60 13.74
N GLU D 43 -5.36 15.93 14.76
CA GLU D 43 -4.81 14.69 15.27
C GLU D 43 -5.24 13.51 14.40
N PRO D 44 -4.36 12.54 14.19
CA PRO D 44 -4.75 11.34 13.44
C PRO D 44 -5.31 10.24 14.34
N GLN D 45 -6.36 9.58 13.85
CA GLN D 45 -6.87 8.39 14.50
C GLN D 45 -6.93 7.24 13.51
N PRO D 46 -6.53 6.03 13.93
CA PRO D 46 -6.44 4.90 12.99
C PRO D 46 -7.66 4.01 12.98
N TYR D 47 -7.94 3.40 11.84
CA TYR D 47 -9.10 2.54 11.62
C TYR D 47 -8.64 1.19 11.08
N PRO D 48 -9.47 0.15 11.19
CA PRO D 48 -8.99 -1.22 10.94
C PRO D 48 -8.31 -1.39 9.59
N THR D 49 -7.34 -2.30 9.56
CA THR D 49 -6.50 -2.50 8.39
C THR D 49 -7.27 -3.18 7.26
N LEU D 50 -6.69 -3.13 6.07
CA LEU D 50 -7.30 -3.67 4.85
C LEU D 50 -6.38 -4.70 4.22
N PRO D 51 -6.84 -5.94 4.03
CA PRO D 51 -6.02 -6.91 3.31
C PRO D 51 -5.70 -6.41 1.92
N PRO D 52 -4.60 -6.88 1.32
CA PRO D 52 -4.12 -6.28 0.06
C PRO D 52 -5.12 -6.26 -1.07
N GLY D 53 -5.64 -7.42 -1.47
CA GLY D 53 -6.49 -7.46 -2.65
C GLY D 53 -7.87 -6.86 -2.43
N THR D 54 -8.38 -6.92 -1.21
CA THR D 54 -9.79 -6.69 -0.96
C THR D 54 -10.10 -5.19 -0.87
N GLY D 55 -11.40 -4.90 -0.72
CA GLY D 55 -11.86 -3.55 -0.46
C GLY D 55 -13.04 -3.58 0.49
N ARG D 56 -13.37 -2.40 1.03
CA ARG D 56 -14.42 -2.32 2.04
C ARG D 56 -15.15 -0.99 1.93
N ARG D 57 -16.44 -1.03 2.26
CA ARG D 57 -17.31 0.14 2.29
C ARG D 57 -17.33 0.74 3.69
N ILE D 58 -17.48 2.06 3.75
CA ILE D 58 -17.43 2.80 5.02
C ILE D 58 -18.54 3.85 5.04
N HIS D 59 -18.76 4.40 6.23
CA HIS D 59 -19.66 5.53 6.47
C HIS D 59 -18.81 6.71 6.96
N SER D 60 -18.26 7.47 6.02
CA SER D 60 -17.54 8.69 6.37
C SER D 60 -18.40 9.90 6.05
N TYR D 61 -17.96 11.05 6.53
CA TYR D 61 -18.73 12.27 6.44
C TYR D 61 -17.96 13.31 5.63
N ARG D 62 -18.69 14.04 4.81
CA ARG D 62 -18.10 14.93 3.81
C ARG D 62 -17.14 15.92 4.45
N GLY D 63 -16.08 16.25 3.71
CA GLY D 63 -15.08 17.19 4.18
C GLY D 63 -14.02 16.61 5.08
N HIS D 64 -14.15 15.36 5.51
CA HIS D 64 -13.18 14.77 6.41
C HIS D 64 -11.90 14.41 5.65
N LEU D 65 -10.85 14.10 6.39
CA LEU D 65 -9.53 13.82 5.82
C LEU D 65 -9.10 12.39 6.10
N TRP D 66 -8.67 11.70 5.05
CA TRP D 66 -8.18 10.34 5.12
C TRP D 66 -6.75 10.29 4.60
N LEU D 67 -5.90 9.59 5.33
CA LEU D 67 -4.51 9.35 4.95
C LEU D 67 -4.28 7.85 4.97
N PHE D 68 -3.47 7.37 4.04
CA PHE D 68 -3.32 5.93 3.87
C PHE D 68 -1.86 5.54 3.90
N ARG D 69 -1.61 4.33 4.40
CA ARG D 69 -0.30 3.99 4.91
C ARG D 69 -0.24 2.50 5.15
N ASP D 70 0.93 1.90 4.91
CA ASP D 70 1.15 0.50 5.25
C ASP D 70 1.09 0.33 6.77
N ALA D 71 0.38 -0.70 7.23
CA ALA D 71 0.22 -0.93 8.65
C ALA D 71 1.42 -1.61 9.30
N GLY D 72 2.46 -1.92 8.52
CA GLY D 72 3.59 -2.67 9.04
C GLY D 72 4.91 -1.94 8.93
N THR D 73 5.12 -1.24 7.81
CA THR D 73 6.31 -0.42 7.63
C THR D 73 6.00 1.07 7.67
N HIS D 74 4.73 1.44 7.69
CA HIS D 74 4.28 2.84 7.66
C HIS D 74 4.83 3.57 6.43
N ASP D 75 4.89 2.85 5.30
CA ASP D 75 5.36 3.42 4.05
C ASP D 75 4.26 4.27 3.41
N GLY D 76 4.68 5.17 2.53
CA GLY D 76 3.75 6.13 1.94
C GLY D 76 2.86 5.49 0.92
N LEU D 77 1.55 5.50 1.18
CA LEU D 77 0.59 4.87 0.30
C LEU D 77 -0.26 5.92 -0.39
N LEU D 78 -0.66 5.61 -1.62
CA LEU D 78 -1.35 6.57 -2.49
C LEU D 78 -2.82 6.21 -2.63
N VAL D 79 -3.68 7.20 -2.44
CA VAL D 79 -5.13 7.05 -2.54
C VAL D 79 -5.63 7.94 -3.67
N ASN D 80 -6.38 7.35 -4.59
CA ASN D 80 -7.07 8.10 -5.64
C ASN D 80 -6.11 8.90 -6.51
N GLN D 81 -4.84 8.49 -6.58
CA GLN D 81 -3.75 9.09 -7.34
C GLN D 81 -3.13 10.30 -6.64
N THR D 82 -3.62 10.71 -5.47
CA THR D 82 -3.14 11.92 -4.80
C THR D 82 -2.62 11.61 -3.41
N GLU D 83 -2.06 12.64 -2.77
CA GLU D 83 -1.48 12.48 -1.43
C GLU D 83 -2.53 12.11 -0.40
N LEU D 84 -3.71 12.71 -0.49
CA LEU D 84 -4.75 12.52 0.50
C LEU D 84 -6.09 12.31 -0.20
N PHE D 85 -7.14 12.12 0.60
CA PHE D 85 -8.49 11.89 0.08
C PHE D 85 -9.49 12.58 0.98
N VAL D 86 -10.32 13.44 0.39
CA VAL D 86 -11.41 14.11 1.09
C VAL D 86 -12.71 13.67 0.46
N PRO D 87 -13.63 13.05 1.20
CA PRO D 87 -14.92 12.66 0.62
C PRO D 87 -15.65 13.86 0.05
N SER D 88 -15.85 13.84 -1.26
CA SER D 88 -16.72 14.81 -1.92
C SER D 88 -18.16 14.44 -1.64
N LEU D 89 -19.10 15.11 -2.30
CA LEU D 89 -20.49 14.71 -2.22
C LEU D 89 -20.76 13.61 -3.24
N ASN D 90 -21.48 12.58 -2.81
CA ASN D 90 -21.86 11.51 -3.73
C ASN D 90 -23.11 11.91 -4.49
N VAL D 91 -22.97 12.06 -5.81
CA VAL D 91 -23.97 12.70 -6.66
C VAL D 91 -25.24 11.88 -6.71
N ASP D 92 -25.21 10.78 -7.46
CA ASP D 92 -26.35 9.88 -7.58
C ASP D 92 -26.33 8.77 -6.53
N GLY D 93 -25.78 9.05 -5.35
CA GLY D 93 -25.57 8.03 -4.34
C GLY D 93 -24.39 7.14 -4.59
N GLN D 94 -23.72 7.27 -5.73
CA GLN D 94 -22.57 6.45 -6.05
C GLN D 94 -21.49 6.65 -4.99
N PRO D 95 -21.11 5.60 -4.26
CA PRO D 95 -20.07 5.76 -3.24
C PRO D 95 -18.76 6.21 -3.87
N ILE D 96 -18.11 7.18 -3.22
CA ILE D 96 -16.87 7.72 -3.75
C ILE D 96 -15.76 6.71 -3.53
N PHE D 97 -14.87 6.58 -4.51
CA PHE D 97 -13.87 5.52 -4.55
C PHE D 97 -12.52 6.05 -4.10
N ALA D 98 -12.01 5.49 -2.99
CA ALA D 98 -10.65 5.75 -2.54
C ALA D 98 -9.80 4.58 -3.00
N ASN D 99 -9.30 4.67 -4.23
CA ASN D 99 -8.39 3.65 -4.77
C ASN D 99 -7.04 3.79 -4.08
N ILE D 100 -6.77 2.89 -3.14
CA ILE D 100 -5.52 2.91 -2.39
C ILE D 100 -4.51 2.09 -3.18
N THR D 101 -3.58 2.76 -3.84
CA THR D 101 -2.57 2.10 -4.64
C THR D 101 -1.17 2.47 -4.14
N LEU D 102 -0.17 1.98 -4.85
CA LEU D 102 1.21 2.30 -4.53
C LEU D 102 1.64 3.55 -5.27
N PRO D 103 2.72 4.19 -4.84
CA PRO D 103 3.41 5.16 -5.71
C PRO D 103 4.47 4.46 -6.53
N VAL D 104 5.27 5.22 -7.25
CA VAL D 104 6.51 4.73 -7.83
C VAL D 104 7.63 5.31 -6.98
N TYR D 105 8.10 4.52 -6.02
CA TYR D 105 9.19 4.95 -5.15
C TYR D 105 10.47 5.15 -5.95
N THR D 106 11.33 6.02 -5.43
CA THR D 106 12.69 6.09 -5.94
C THR D 106 13.40 4.79 -5.63
N LEU D 107 14.22 4.31 -6.57
CA LEU D 107 14.98 3.09 -6.33
C LEU D 107 15.80 3.18 -5.06
N LYS D 108 16.22 4.38 -4.69
CA LYS D 108 16.84 4.60 -3.38
C LYS D 108 15.86 4.27 -2.25
N GLU D 109 14.64 4.83 -2.32
CA GLU D 109 13.64 4.55 -1.30
C GLU D 109 13.26 3.08 -1.29
N ARG D 110 13.03 2.50 -2.48
CA ARG D 110 12.61 1.10 -2.53
C ARG D 110 13.68 0.20 -1.94
N CYS D 111 14.95 0.49 -2.23
CA CYS D 111 16.03 -0.28 -1.63
C CYS D 111 16.11 -0.03 -0.13
N LEU D 112 15.64 1.12 0.34
CA LEU D 112 15.62 1.40 1.78
C LEU D 112 14.62 0.49 2.48
N GLN D 113 13.42 0.34 1.93
CA GLN D 113 12.38 -0.43 2.59
C GLN D 113 12.78 -1.89 2.75
N VAL D 114 13.44 -2.46 1.74
CA VAL D 114 13.81 -3.87 1.80
C VAL D 114 14.85 -4.12 2.88
N VAL D 115 15.70 -3.12 3.14
CA VAL D 115 16.75 -3.30 4.15
C VAL D 115 16.18 -3.20 5.56
N ARG D 116 15.29 -2.24 5.81
CA ARG D 116 14.62 -2.16 7.11
C ARG D 116 13.90 -3.46 7.44
N SER D 117 13.47 -4.20 6.42
CA SER D 117 12.76 -5.46 6.61
C SER D 117 13.69 -6.60 6.99
N LEU D 118 15.01 -6.44 6.82
CA LEU D 118 15.95 -7.55 6.99
C LEU D 118 16.92 -7.38 8.14
N VAL D 119 16.86 -6.26 8.86
CA VAL D 119 17.80 -6.02 9.97
C VAL D 119 17.09 -5.20 11.04
N LYS D 120 17.37 -5.51 12.31
CA LYS D 120 16.80 -4.79 13.43
C LYS D 120 17.58 -3.51 13.71
N PRO D 121 16.93 -2.51 14.32
CA PRO D 121 17.62 -1.22 14.52
C PRO D 121 18.89 -1.30 15.35
N GLU D 122 18.93 -2.14 16.37
CA GLU D 122 20.12 -2.22 17.22
C GLU D 122 21.33 -2.72 16.44
N ASN D 123 21.13 -3.06 15.16
CA ASN D 123 22.17 -3.65 14.33
C ASN D 123 22.37 -2.93 13.01
N TYR D 124 21.67 -1.83 12.74
CA TYR D 124 21.83 -1.10 11.49
C TYR D 124 23.29 -0.71 11.26
N ARG D 125 23.91 -0.11 12.28
CA ARG D 125 25.22 0.50 12.15
C ARG D 125 26.34 -0.49 11.86
N ARG D 126 26.08 -1.80 11.97
CA ARG D 126 27.13 -2.79 11.80
C ARG D 126 27.34 -3.17 10.33
N LEU D 127 26.54 -2.64 9.42
CA LEU D 127 26.72 -2.89 8.01
C LEU D 127 28.05 -2.23 7.65
N ASP D 128 28.70 -2.75 6.61
CA ASP D 128 29.89 -2.11 6.05
C ASP D 128 29.53 -1.25 4.84
N ILE D 129 28.67 -0.25 5.09
CA ILE D 129 28.13 0.58 4.02
C ILE D 129 28.49 2.04 4.25
N VAL D 130 27.97 2.91 3.38
CA VAL D 130 28.33 4.33 3.43
C VAL D 130 27.79 4.95 4.70
N ARG D 131 28.61 5.80 5.34
CA ARG D 131 28.23 6.43 6.60
C ARG D 131 27.03 7.35 6.44
N SER D 132 26.68 7.74 5.22
CA SER D 132 25.51 8.58 5.01
C SER D 132 24.22 7.79 5.16
N LEU D 133 24.13 6.67 4.44
CA LEU D 133 22.93 5.83 4.47
C LEU D 133 22.51 5.44 5.87
N TYR D 134 23.38 5.59 6.84
CA TYR D 134 22.93 5.22 8.13
C TYR D 134 21.86 6.23 8.45
N GLU D 135 22.09 7.50 8.24
CA GLU D 135 21.01 8.46 8.50
C GLU D 135 19.75 8.07 7.75
N ASP D 136 19.89 7.75 6.46
CA ASP D 136 18.73 7.46 5.62
C ASP D 136 17.98 6.23 6.10
N LEU D 137 18.67 5.26 6.71
CA LEU D 137 17.98 4.12 7.29
C LEU D 137 17.29 4.48 8.59
N GLU D 138 18.05 5.03 9.54
CA GLU D 138 17.50 5.35 10.86
C GLU D 138 16.38 6.39 10.80
N ASP D 139 16.23 7.09 9.68
CA ASP D 139 15.11 8.01 9.49
C ASP D 139 13.96 7.24 8.85
N HIS D 140 13.00 6.82 9.66
CA HIS D 140 11.93 5.95 9.23
C HIS D 140 10.75 6.76 8.69
N PRO D 141 9.94 6.16 7.83
CA PRO D 141 8.73 6.85 7.35
C PRO D 141 7.73 7.01 8.49
N ASN D 142 7.37 8.24 8.79
CA ASN D 142 6.52 8.55 9.93
C ASN D 142 5.20 9.15 9.46
N VAL D 143 4.21 9.06 10.34
CA VAL D 143 2.88 9.61 10.10
C VAL D 143 2.91 11.13 10.27
N GLN D 144 3.02 11.60 11.50
CA GLN D 144 2.95 13.03 11.79
C GLN D 144 4.07 13.80 11.08
N LYS D 145 5.21 13.16 10.84
CA LYS D 145 6.30 13.84 10.14
C LYS D 145 5.87 14.23 8.72
N ASP D 146 5.28 13.29 7.99
CA ASP D 146 4.77 13.62 6.66
C ASP D 146 3.69 14.69 6.70
N LEU D 147 3.04 14.86 7.85
CA LEU D 147 2.05 15.92 7.98
C LEU D 147 2.69 17.29 7.93
N GLU D 148 3.75 17.50 8.73
CA GLU D 148 4.46 18.77 8.69
C GLU D 148 5.02 19.06 7.31
N ARG D 149 5.30 18.01 6.52
CA ARG D 149 5.80 18.22 5.17
C ARG D 149 4.71 18.68 4.23
N LEU D 150 3.50 18.11 4.36
CA LEU D 150 2.39 18.54 3.51
C LEU D 150 1.85 19.90 3.95
N THR D 151 1.76 20.12 5.27
CA THR D 151 1.28 21.41 5.77
C THR D 151 2.17 22.56 5.34
N GLN D 152 3.47 22.31 5.18
CA GLN D 152 4.42 23.34 4.74
C GLN D 152 4.08 23.73 3.31
N GLU D 153 3.42 24.88 3.14
CA GLU D 153 3.05 25.42 1.84
C GLU D 153 2.28 24.40 0.98
NA NA E . -18.11 4.73 15.01
C02 YHB F . -16.62 6.80 11.22
C04 YHB F . -17.64 4.50 11.53
C05 YHB F . -16.65 3.60 10.77
C06 YHB F . -17.08 2.72 9.78
C07 YHB F . -16.18 1.92 9.11
C08 YHB F . -14.83 2.01 9.41
C09 YHB F . -13.89 1.21 8.73
C11 YHB F . -12.40 -0.59 7.69
C13 YHB F . -12.80 1.63 7.95
C14 YHB F . -12.47 3.09 7.68
C15 YHB F . -14.39 2.89 10.40
C16 YHB F . -15.31 3.68 11.07
C17 YHB F . -19.03 3.89 11.50
C18 YHB F . -16.66 8.22 10.60
C20 YHB F . -16.78 9.22 12.92
C22 YHB F . -16.33 10.40 13.83
C24 YHB F . -18.68 11.39 13.63
C26 YHB F . -19.65 12.58 13.61
C27 YHB F . -20.98 12.26 13.55
C28 YHB F . -21.94 13.25 13.54
C30 YHB F . -24.42 13.48 14.07
C31 YHB F . -25.03 12.75 15.27
C33 YHB F . -26.18 10.60 15.96
C34 YHB F . -27.55 10.66 15.80
C38 YHB F . -26.50 9.17 17.89
C39 YHB F . -25.95 8.41 18.95
C40 YHB F . -24.67 7.88 18.80
C41 YHB F . -24.08 7.13 19.82
C42 YHB F . -24.77 6.89 21.00
C43 YHB F . -26.05 7.42 21.16
C44 YHB F . -26.64 8.17 20.14
C46 YHB F . -25.65 9.85 17.03
C47 YHB F . -24.07 10.70 14.56
C48 YHB F . -23.58 11.36 13.28
C50 YHB F . -20.30 14.89 13.66
C51 YHB F . -19.29 13.94 13.67
C52 YHB F . -16.06 9.99 15.31
C53 YHB F . -15.02 8.85 15.35
C54 YHB F . -15.49 11.19 16.06
C55 YHB F . -17.33 9.55 16.07
C56 YHB F . -15.38 10.26 10.75
C57 YHB F . -14.87 9.69 9.61
C59 YHB F . -15.58 8.32 9.43
N03 YHB F . -17.67 5.84 10.94
N12 YHB F . -12.06 0.67 7.43
N19 YHB F . -16.34 9.15 11.48
N23 YHB F . -17.24 11.52 13.80
N29 YHB F . -23.31 12.78 13.47
N32 YHB F . -25.29 11.33 15.05
N35 YHB F . -28.14 11.44 14.71
N36 YHB F . -28.34 9.99 16.65
N37 YHB F . -27.82 9.25 17.68
N49 YHB F . -21.59 14.53 13.60
O01 YHB F . -15.74 6.51 11.97
O21 YHB F . -17.49 8.36 13.32
O25 YHB F . -19.20 10.34 13.51
O45 YHB F . -27.93 8.69 20.33
O58 YHB F . -15.16 10.55 8.46
S10 YHB F . -13.80 -0.52 8.70
C1 PEG G . -14.75 2.45 15.14
O1 PEG G . -14.75 3.71 15.75
C2 PEG G . -13.41 2.21 14.45
O2 PEG G . -12.51 1.64 15.36
C3 PEG G . -11.15 1.82 15.06
C4 PEG G . -10.41 2.31 16.31
O4 PEG G . -9.62 3.43 16.03
#